data_2J95
#
_entry.id   2J95
#
_cell.length_a   57.023
_cell.length_b   73.024
_cell.length_c   80.224
_cell.angle_alpha   90.00
_cell.angle_beta   90.00
_cell.angle_gamma   90.00
#
_symmetry.space_group_name_H-M   'P 21 21 21'
#
loop_
_entity.id
_entity.type
_entity.pdbx_description
1 polymer 'ACTIVATED FACTOR XA HEAVY CHAIN'
2 polymer 'ACTIVATED FACTOR XA LIGHT CHAIN'
3 non-polymer "5'-CHLORO-N-{(3S)-1-[(1S)-1-METHYL-2-MORPHOLIN-4-YL-2-OXOETHYL]-2-OXOPYRROLIDIN-3-YL}-2,2'-BITHIOPHENE-5-SULFONAMIDE"
4 non-polymer 'CALCIUM ION'
5 water water
#
loop_
_entity_poly.entity_id
_entity_poly.type
_entity_poly.pdbx_seq_one_letter_code
_entity_poly.pdbx_strand_id
1 'polypeptide(L)'
;IVGGQECKDGECPWQALLINEENEGFCGGTILSEFYILTAAHCLYQAKRFKVRVGDRNTEQEEGGEAVHEVEVVIKHNRF
TKETYDFDIAVLRLKTPITFRMNVAPACLPERDWAESTLMTQKTGIVSGFGRTHEKGRQSTRLKMLEVPYVDRNSCKLSS
SFIITQNMFCAGYDTKQEDACQGDSGGPHVTRFKDTYFVTGIVSWGEGCARKGKYGIYTKVTAFLKWIDRSMKTRGLPKA
KSHAPEVITSSPLK
;
A
2 'polypeptide(L)'
;EEMKKGHLERECMEETCSYEEAREVFEDSDKTNEFWNKYKDGDQCETSPCQNQGKCKDGLGEYTCTCLEGFEGKNCELFT
RKLCSLDNGDCDQFCHEEQNSVVCSCARGYTLADNGKACIPTGPYPCGKQTLER
;
B
#
loop_
_chem_comp.id
_chem_comp.type
_chem_comp.name
_chem_comp.formula
CA non-polymer 'CALCIUM ION' 'Ca 2'
GSX non-polymer 5'-CHLORO-N-{(3S)-1-[(1S)-1-METHYL-2-MORPHOLIN-4-YL-2-OXOETHYL]-2-OXOPYRROLIDIN-3-YL}-2,2'-BITHIOPHENE-5-SULFONAMIDE 'C19 H22 Cl N3 O5 S3'
#
# COMPACT_ATOMS: atom_id res chain seq x y z
N ILE A 1 -5.26 13.08 0.45
CA ILE A 1 -6.60 12.45 0.21
C ILE A 1 -7.70 13.50 0.09
N VAL A 2 -8.44 13.45 -1.03
CA VAL A 2 -9.61 14.32 -1.29
C VAL A 2 -10.83 13.49 -0.89
N GLY A 3 -11.61 13.99 0.07
CA GLY A 3 -12.77 13.24 0.52
C GLY A 3 -12.37 12.17 1.54
N GLY A 4 -13.14 11.08 1.62
CA GLY A 4 -12.84 9.96 2.54
C GLY A 4 -13.01 10.34 3.99
N GLN A 5 -12.26 9.69 4.88
CA GLN A 5 -12.35 9.98 6.31
C GLN A 5 -11.04 9.84 7.09
N GLU A 6 -11.07 10.25 8.36
CA GLU A 6 -9.87 10.11 9.19
C GLU A 6 -9.62 8.65 9.47
N CYS A 7 -8.35 8.25 9.53
CA CYS A 7 -8.04 6.91 10.04
C CYS A 7 -8.26 7.02 11.54
N LYS A 8 -9.16 6.21 12.09
CA LYS A 8 -9.40 6.16 13.55
C LYS A 8 -8.33 5.30 14.24
N ASP A 9 -8.36 5.25 15.58
CA ASP A 9 -7.27 4.65 16.33
C ASP A 9 -7.03 3.21 15.88
N GLY A 10 -5.83 2.92 15.42
CA GLY A 10 -5.48 1.55 14.99
C GLY A 10 -5.86 1.07 13.61
N GLU A 11 -6.56 1.93 12.84
CA GLU A 11 -7.07 1.53 11.52
C GLU A 11 -6.14 1.49 10.32
N CYS A 12 -5.02 2.23 10.37
CA CYS A 12 -4.08 2.32 9.23
C CYS A 12 -2.65 2.15 9.76
N PRO A 13 -2.38 1.05 10.48
CA PRO A 13 -1.12 0.88 11.17
C PRO A 13 0.12 0.72 10.29
N TRP A 14 -0.07 0.32 9.03
CA TRP A 14 1.06 0.15 8.06
C TRP A 14 1.49 1.46 7.38
N GLN A 15 0.81 2.58 7.67
CA GLN A 15 1.22 3.90 7.09
C GLN A 15 2.61 4.41 7.55
N ALA A 16 3.48 4.83 6.61
CA ALA A 16 4.76 5.46 6.94
C ALA A 16 4.76 6.83 6.26
N LEU A 17 5.58 7.76 6.76
CA LEU A 17 5.67 9.13 6.17
C LEU A 17 7.13 9.47 5.93
N LEU A 18 7.50 9.85 4.70
CA LEU A 18 8.90 10.22 4.46
C LEU A 18 8.96 11.70 4.82
N ILE A 19 9.91 12.09 5.66
CA ILE A 19 10.01 13.47 6.17
C ILE A 19 11.35 14.12 5.79
N ASN A 20 11.30 15.37 5.40
CA ASN A 20 12.50 16.11 5.04
C ASN A 20 13.18 16.69 6.29
N GLU A 21 14.24 17.44 6.03
CA GLU A 21 15.09 18.05 7.05
C GLU A 21 14.35 18.98 7.98
N GLU A 22 13.27 19.59 7.47
CA GLU A 22 12.39 20.45 8.26
C GLU A 22 11.33 19.67 9.02
N ASN A 23 11.40 18.34 8.99
CA ASN A 23 10.37 17.47 9.60
C ASN A 23 8.98 17.58 8.93
N GLU A 24 8.97 17.87 7.63
CA GLU A 24 7.75 18.00 6.83
C GLU A 24 7.62 16.79 5.92
N GLY A 25 6.45 16.16 5.90
CA GLY A 25 6.22 15.01 5.01
C GLY A 25 6.10 15.43 3.56
N PHE A 26 6.79 14.71 2.68
CA PHE A 26 6.67 14.96 1.23
C PHE A 26 6.18 13.72 0.43
N CYS A 27 6.08 12.56 1.07
CA CYS A 27 5.65 11.31 0.40
C CYS A 27 5.27 10.27 1.48
N GLY A 28 4.56 9.22 1.07
CA GLY A 28 4.16 8.16 2.02
C GLY A 28 4.97 6.90 1.75
N GLY A 29 4.70 5.86 2.52
CA GLY A 29 5.32 4.54 2.38
C GLY A 29 4.41 3.50 3.05
N THR A 30 4.71 2.21 2.84
CA THR A 30 4.00 1.10 3.50
C THR A 30 5.00 0.24 4.27
N ILE A 31 4.69 -0.01 5.56
CA ILE A 31 5.51 -0.87 6.39
C ILE A 31 5.34 -2.32 5.94
N LEU A 32 6.43 -2.94 5.51
CA LEU A 32 6.40 -4.35 5.10
C LEU A 32 6.91 -5.32 6.16
N SER A 33 7.79 -4.85 7.03
CA SER A 33 8.40 -5.72 8.07
C SER A 33 9.18 -4.83 9.03
N GLU A 34 9.88 -5.39 10.01
CA GLU A 34 10.53 -4.51 11.01
C GLU A 34 11.66 -3.65 10.39
N PHE A 35 12.29 -4.13 9.32
CA PHE A 35 13.37 -3.36 8.65
C PHE A 35 13.02 -2.69 7.31
N TYR A 36 11.90 -3.04 6.69
CA TYR A 36 11.61 -2.52 5.33
C TYR A 36 10.33 -1.71 5.10
N ILE A 37 10.48 -0.67 4.27
CA ILE A 37 9.41 0.25 3.84
C ILE A 37 9.30 0.21 2.31
N LEU A 38 8.07 0.08 1.81
CA LEU A 38 7.80 0.14 0.36
C LEU A 38 7.44 1.59 0.00
N THR A 39 8.02 2.14 -1.07
CA THR A 39 7.63 3.49 -1.51
C THR A 39 7.72 3.65 -3.05
N ALA A 40 7.56 4.87 -3.56
CA ALA A 40 7.66 5.08 -5.01
C ALA A 40 9.04 5.62 -5.34
N ALA A 41 9.60 5.13 -6.43
CA ALA A 41 10.94 5.54 -6.88
C ALA A 41 11.00 7.05 -7.16
N HIS A 42 9.92 7.61 -7.68
CA HIS A 42 9.89 9.04 -7.99
C HIS A 42 10.01 9.94 -6.76
N CYS A 43 9.66 9.40 -5.59
CA CYS A 43 9.75 10.16 -4.34
C CYS A 43 11.19 10.44 -3.89
N LEU A 44 12.11 9.59 -4.34
CA LEU A 44 13.53 9.63 -3.96
C LEU A 44 14.34 10.76 -4.62
N TYR A 45 13.65 11.82 -5.01
CA TYR A 45 14.28 12.94 -5.69
C TYR A 45 13.76 14.23 -5.09
N GLN A 46 12.75 14.11 -4.24
CA GLN A 46 12.07 15.26 -3.64
C GLN A 46 12.69 15.74 -2.33
N ALA A 47 13.86 15.20 -2.00
CA ALA A 47 14.63 15.56 -0.80
C ALA A 47 16.03 14.94 -0.85
N LYS A 48 17.04 15.73 -0.47
CA LYS A 48 18.44 15.26 -0.44
C LYS A 48 18.61 14.24 0.67
N ARG A 49 18.18 14.59 1.88
CA ARG A 49 18.22 13.65 2.99
C ARG A 49 16.84 13.61 3.66
N PHE A 50 16.40 12.41 4.00
CA PHE A 50 15.09 12.19 4.62
C PHE A 50 15.10 11.05 5.64
N LYS A 51 14.10 11.03 6.50
CA LYS A 51 13.89 9.97 7.49
C LYS A 51 12.46 9.40 7.32
N VAL A 52 12.14 8.35 8.06
CA VAL A 52 10.81 7.71 7.96
C VAL A 52 10.12 7.78 9.34
N ARG A 53 8.92 8.38 9.38
CA ARG A 53 8.14 8.42 10.63
C ARG A 53 6.96 7.44 10.57
N VAL A 54 6.74 6.70 11.67
CA VAL A 54 5.64 5.75 11.78
C VAL A 54 4.87 6.01 13.08
N GLY A 55 3.68 5.44 13.20
CA GLY A 55 2.82 5.53 14.40
C GLY A 55 2.19 6.91 14.61
N ASP A 56 2.02 7.70 13.56
CA ASP A 56 1.50 9.08 13.68
C ASP A 56 0.12 9.19 13.04
N ARG A 57 -0.81 9.91 13.66
CA ARG A 57 -2.11 10.19 13.02
C ARG A 57 -2.47 11.68 12.98
N ASN A 58 -1.83 12.46 13.85
CA ASN A 58 -2.07 13.90 13.94
C ASN A 58 -0.71 14.57 14.06
N THR A 59 -0.30 15.28 13.01
CA THR A 59 1.02 15.92 13.00
C THR A 59 1.17 17.17 13.90
N GLU A 60 0.10 17.53 14.61
CA GLU A 60 0.08 18.70 15.52
C GLU A 60 0.09 18.37 17.02
N GLN A 61 0.09 17.09 17.37
CA GLN A 61 0.06 16.65 18.78
C GLN A 61 0.89 15.38 18.95
N GLU A 62 1.47 15.19 20.14
CA GLU A 62 2.25 13.97 20.42
C GLU A 62 1.40 12.92 21.13
N GLU A 63 0.99 11.89 20.39
CA GLU A 63 0.12 10.86 20.90
C GLU A 63 0.83 9.76 21.71
N GLY A 64 2.16 9.67 21.57
CA GLY A 64 2.97 8.69 22.30
C GLY A 64 3.40 7.46 21.53
N GLY A 65 2.85 7.28 20.33
CA GLY A 65 3.19 6.13 19.52
C GLY A 65 4.17 6.39 18.39
N GLU A 66 4.51 7.66 18.17
CA GLU A 66 5.38 8.05 17.06
C GLU A 66 6.84 7.60 17.18
N ALA A 67 7.47 7.30 16.04
CA ALA A 67 8.89 6.90 16.03
C ALA A 67 9.50 7.29 14.70
N VAL A 68 10.69 7.91 14.75
CA VAL A 68 11.42 8.31 13.55
C VAL A 68 12.57 7.31 13.38
N HIS A 69 12.79 6.91 12.14
CA HIS A 69 13.83 5.95 11.76
C HIS A 69 14.67 6.44 10.61
N GLU A 70 15.99 6.24 10.73
CA GLU A 70 16.95 6.59 9.68
C GLU A 70 17.03 5.50 8.63
N VAL A 71 17.35 5.90 7.39
CA VAL A 71 17.45 4.95 6.30
C VAL A 71 18.91 4.52 6.12
N GLU A 72 19.14 3.20 6.05
CA GLU A 72 20.46 2.64 5.84
C GLU A 72 20.80 2.44 4.35
N VAL A 73 19.84 1.90 3.59
CA VAL A 73 19.99 1.61 2.17
C VAL A 73 18.70 2.01 1.40
N VAL A 74 18.86 2.68 0.26
CA VAL A 74 17.76 3.01 -0.64
C VAL A 74 17.90 2.08 -1.86
N ILE A 75 16.90 1.22 -2.09
CA ILE A 75 16.89 0.28 -3.23
C ILE A 75 15.82 0.72 -4.27
N LYS A 76 16.28 1.35 -5.35
CA LYS A 76 15.41 1.86 -6.40
C LYS A 76 15.35 0.88 -7.57
N HIS A 77 14.20 0.72 -8.22
CA HIS A 77 14.13 -0.21 -9.37
C HIS A 77 15.02 0.41 -10.48
N ASN A 78 15.91 -0.38 -11.06
CA ASN A 78 16.85 0.17 -12.06
C ASN A 78 16.18 0.59 -13.38
N ARG A 79 15.05 -0.03 -13.70
CA ARG A 79 14.30 0.31 -14.92
C ARG A 79 13.37 1.51 -14.74
N PHE A 80 13.40 2.17 -13.58
CA PHE A 80 12.55 3.36 -13.35
C PHE A 80 12.84 4.42 -14.40
N THR A 81 11.83 5.19 -14.81
CA THR A 81 12.01 6.30 -15.76
C THR A 81 11.02 7.45 -15.55
N LYS A 82 11.55 8.66 -15.42
CA LYS A 82 10.76 9.90 -15.20
C LYS A 82 9.88 10.32 -16.36
N GLU A 83 10.14 9.78 -17.54
CA GLU A 83 9.37 10.14 -18.74
C GLU A 83 7.91 9.69 -18.61
N THR A 84 7.72 8.50 -18.07
CA THR A 84 6.40 7.88 -17.97
C THR A 84 6.00 7.46 -16.54
N TYR A 85 7.00 7.41 -15.63
CA TYR A 85 6.85 6.89 -14.26
C TYR A 85 6.68 5.37 -14.27
N ASP A 86 7.18 4.71 -15.32
CA ASP A 86 7.14 3.26 -15.41
C ASP A 86 8.12 2.71 -14.36
N PHE A 87 7.81 1.54 -13.78
CA PHE A 87 8.65 0.94 -12.73
C PHE A 87 8.82 1.91 -11.55
N ASP A 88 7.72 2.51 -11.11
CA ASP A 88 7.76 3.48 -10.00
C ASP A 88 7.63 2.73 -8.65
N ILE A 89 8.76 2.17 -8.19
CA ILE A 89 8.82 1.35 -6.97
C ILE A 89 10.24 1.34 -6.36
N ALA A 90 10.30 1.48 -5.04
CA ALA A 90 11.57 1.43 -4.31
C ALA A 90 11.32 0.81 -2.97
N VAL A 91 12.37 0.19 -2.41
CA VAL A 91 12.33 -0.38 -1.06
C VAL A 91 13.45 0.25 -0.22
N LEU A 92 13.11 0.63 1.03
CA LEU A 92 14.02 1.24 2.00
C LEU A 92 14.37 0.30 3.17
N ARG A 93 15.68 0.11 3.44
CA ARG A 93 16.10 -0.64 4.63
C ARG A 93 16.46 0.36 5.73
N LEU A 94 15.88 0.16 6.90
CA LEU A 94 16.08 1.07 8.00
C LEU A 94 17.31 0.69 8.84
N LYS A 95 17.93 1.69 9.46
CA LYS A 95 19.10 1.47 10.36
C LYS A 95 18.71 0.69 11.63
N THR A 96 17.54 1.00 12.22
CA THR A 96 17.07 0.31 13.44
C THR A 96 15.68 -0.35 13.17
N PRO A 97 15.39 -1.50 13.81
CA PRO A 97 14.09 -2.13 13.49
C PRO A 97 12.90 -1.39 14.12
N ILE A 98 11.77 -1.45 13.41
CA ILE A 98 10.53 -0.84 13.91
C ILE A 98 9.95 -1.72 15.02
N THR A 99 9.57 -1.12 16.13
CA THR A 99 8.93 -1.88 17.23
C THR A 99 7.40 -1.79 17.02
N PHE A 100 6.76 -2.89 16.67
CA PHE A 100 5.32 -2.88 16.45
C PHE A 100 4.54 -2.58 17.75
N ARG A 101 3.39 -1.90 17.65
CA ARG A 101 2.55 -1.48 18.78
C ARG A 101 1.24 -0.93 18.21
N MET A 102 0.43 -0.30 19.06
CA MET A 102 -0.82 0.30 18.60
C MET A 102 -0.44 1.30 17.49
N ASN A 103 -1.18 1.32 16.38
CA ASN A 103 -0.85 2.18 15.21
C ASN A 103 0.48 1.92 14.44
N VAL A 104 1.16 0.80 14.71
CA VAL A 104 2.42 0.48 14.00
C VAL A 104 2.45 -1.03 13.76
N ALA A 105 2.13 -1.46 12.53
CA ALA A 105 2.14 -2.91 12.18
C ALA A 105 2.30 -3.05 10.65
N PRO A 106 2.80 -4.21 10.16
CA PRO A 106 2.96 -4.32 8.72
C PRO A 106 1.71 -4.75 7.96
N ALA A 107 1.64 -4.43 6.65
CA ALA A 107 0.60 -4.94 5.74
C ALA A 107 1.15 -6.27 5.17
N CYS A 108 0.27 -7.21 4.78
CA CYS A 108 0.75 -8.49 4.24
C CYS A 108 1.07 -8.37 2.75
N LEU A 109 2.13 -9.06 2.34
CA LEU A 109 2.44 -9.18 0.91
C LEU A 109 1.68 -10.42 0.42
N PRO A 110 0.89 -10.30 -0.67
CA PRO A 110 0.19 -11.49 -1.15
C PRO A 110 1.05 -12.28 -2.18
N GLU A 111 0.53 -13.43 -2.63
CA GLU A 111 1.10 -14.18 -3.75
C GLU A 111 0.51 -13.61 -5.08
N ARG A 112 1.30 -13.58 -6.16
CA ARG A 112 0.86 -12.95 -7.43
C ARG A 112 -0.45 -13.48 -8.02
N ASP A 113 -0.50 -14.77 -8.36
CA ASP A 113 -1.71 -15.28 -9.01
C ASP A 113 -2.96 -15.08 -8.19
N TRP A 114 -2.90 -15.46 -6.90
CA TRP A 114 -4.09 -15.27 -6.01
C TRP A 114 -4.51 -13.82 -5.92
N ALA A 115 -3.57 -12.90 -5.75
CA ALA A 115 -3.90 -11.46 -5.68
C ALA A 115 -4.61 -10.91 -6.95
N GLU A 116 -4.14 -11.34 -8.11
CA GLU A 116 -4.69 -10.92 -9.39
C GLU A 116 -6.09 -11.47 -9.65
N SER A 117 -6.35 -12.72 -9.31
CA SER A 117 -7.68 -13.27 -9.54
C SER A 117 -8.70 -12.97 -8.45
N THR A 118 -8.20 -12.81 -7.22
CA THR A 118 -9.08 -12.66 -6.05
C THR A 118 -9.06 -11.30 -5.37
N LEU A 119 -7.91 -10.66 -5.24
CA LEU A 119 -7.89 -9.34 -4.60
C LEU A 119 -8.26 -8.23 -5.59
N MET A 120 -7.62 -8.22 -6.77
CA MET A 120 -7.82 -7.16 -7.75
C MET A 120 -9.13 -7.23 -8.53
N THR A 121 -9.93 -8.25 -8.24
CA THR A 121 -11.25 -8.40 -8.80
C THR A 121 -12.29 -8.06 -7.75
N GLN A 122 -11.86 -7.60 -6.56
CA GLN A 122 -12.80 -7.16 -5.52
C GLN A 122 -13.38 -5.81 -6.01
N LYS A 123 -14.45 -5.33 -5.39
CA LYS A 123 -15.05 -4.08 -5.81
C LYS A 123 -14.15 -2.87 -5.54
N THR A 124 -13.49 -2.86 -4.38
CA THR A 124 -12.68 -1.70 -3.96
C THR A 124 -11.37 -2.05 -3.26
N GLY A 125 -10.48 -1.05 -3.21
CA GLY A 125 -9.27 -1.06 -2.38
C GLY A 125 -9.29 0.18 -1.48
N ILE A 126 -8.30 0.34 -0.59
CA ILE A 126 -8.23 1.49 0.31
C ILE A 126 -6.89 2.22 0.13
N VAL A 127 -6.94 3.56 -0.04
CA VAL A 127 -5.71 4.36 -0.20
C VAL A 127 -5.65 5.24 1.05
N SER A 128 -4.45 5.61 1.49
CA SER A 128 -4.34 6.45 2.67
C SER A 128 -3.14 7.39 2.61
N GLY A 129 -3.23 8.50 3.37
CA GLY A 129 -2.09 9.44 3.44
C GLY A 129 -2.34 10.79 4.13
N PHE A 130 -1.26 11.57 4.23
CA PHE A 130 -1.26 12.93 4.79
C PHE A 130 -1.20 13.99 3.68
N GLY A 131 -1.47 13.61 2.43
CA GLY A 131 -1.31 14.54 1.30
C GLY A 131 -2.43 15.57 1.22
N ARG A 132 -2.41 16.36 0.14
CA ARG A 132 -3.38 17.44 -0.08
C ARG A 132 -4.82 17.00 0.04
N THR A 133 -5.65 17.88 0.59
CA THR A 133 -7.09 17.67 0.79
C THR A 133 -7.94 18.13 -0.40
N HIS A 134 -7.27 18.75 -1.37
CA HIS A 134 -7.84 19.18 -2.65
C HIS A 134 -6.66 19.66 -3.49
N GLU A 135 -6.84 19.61 -4.81
CA GLU A 135 -5.77 19.87 -5.77
C GLU A 135 -4.87 21.09 -5.48
N LYS A 136 -5.47 22.20 -5.08
CA LYS A 136 -4.71 23.43 -4.80
C LYS A 136 -4.64 23.81 -3.31
N GLY A 137 -4.97 22.83 -2.46
CA GLY A 137 -4.99 23.03 -1.01
C GLY A 137 -3.68 22.71 -0.31
N ARG A 138 -3.72 22.70 1.02
CA ARG A 138 -2.54 22.35 1.77
C ARG A 138 -2.58 20.86 2.15
N GLN A 139 -1.47 20.35 2.67
CA GLN A 139 -1.42 18.96 3.14
C GLN A 139 -2.26 18.78 4.40
N SER A 140 -2.71 17.55 4.62
CA SER A 140 -3.52 17.25 5.80
C SER A 140 -2.65 17.07 7.05
N THR A 141 -3.12 17.58 8.18
CA THR A 141 -2.40 17.35 9.43
C THR A 141 -2.94 16.07 10.05
N ARG A 142 -4.00 15.50 9.48
CA ARG A 142 -4.59 14.25 9.98
C ARG A 142 -4.42 13.16 8.93
N LEU A 143 -4.05 11.95 9.38
CA LEU A 143 -3.99 10.83 8.46
C LEU A 143 -5.39 10.48 7.96
N LYS A 144 -5.57 10.41 6.63
CA LYS A 144 -6.86 10.02 6.04
C LYS A 144 -6.81 8.72 5.21
N MET A 145 -7.97 8.06 5.06
CA MET A 145 -8.12 6.88 4.18
C MET A 145 -9.39 7.09 3.32
N LEU A 146 -9.47 6.35 2.22
CA LEU A 146 -10.58 6.43 1.27
C LEU A 146 -10.73 5.13 0.51
N GLU A 147 -11.95 4.58 0.45
CA GLU A 147 -12.26 3.41 -0.39
C GLU A 147 -12.31 3.86 -1.84
N VAL A 148 -11.52 3.20 -2.70
CA VAL A 148 -11.47 3.50 -4.14
C VAL A 148 -11.79 2.30 -4.99
N PRO A 149 -12.78 2.42 -5.89
CA PRO A 149 -13.12 1.28 -6.76
C PRO A 149 -12.01 0.94 -7.76
N TYR A 150 -11.84 -0.33 -8.06
CA TYR A 150 -10.92 -0.73 -9.12
C TYR A 150 -11.57 -0.26 -10.43
N VAL A 151 -10.76 0.24 -11.36
CA VAL A 151 -11.29 0.74 -12.63
C VAL A 151 -10.87 -0.18 -13.79
N ASP A 152 -11.86 -0.51 -14.63
CA ASP A 152 -11.65 -1.31 -15.82
C ASP A 152 -10.48 -0.75 -16.60
N ARG A 153 -9.56 -1.63 -16.96
CA ARG A 153 -8.31 -1.24 -17.62
C ARG A 153 -8.48 -0.49 -18.98
N ASN A 154 -9.45 -0.94 -19.77
CA ASN A 154 -9.75 -0.26 -21.03
C ASN A 154 -10.24 1.18 -20.77
N SER A 155 -11.25 1.33 -19.92
CA SER A 155 -11.78 2.66 -19.60
C SER A 155 -10.65 3.57 -19.12
N CYS A 156 -9.76 3.03 -18.29
CA CYS A 156 -8.67 3.85 -17.80
C CYS A 156 -7.77 4.33 -18.93
N LYS A 157 -7.41 3.44 -19.86
CA LYS A 157 -6.52 3.83 -20.95
C LYS A 157 -7.17 4.88 -21.84
N LEU A 158 -8.49 4.76 -22.03
CA LEU A 158 -9.23 5.74 -22.82
C LEU A 158 -9.24 7.13 -22.19
N SER A 159 -9.38 7.17 -20.87
CA SER A 159 -9.43 8.42 -20.12
C SER A 159 -8.12 9.17 -20.02
N SER A 160 -7.01 8.48 -20.19
CA SER A 160 -5.69 9.07 -19.92
C SER A 160 -4.96 9.74 -21.09
N SER A 161 -4.36 10.88 -20.80
CA SER A 161 -3.56 11.65 -21.76
C SER A 161 -2.12 11.16 -21.73
N PHE A 162 -1.80 10.24 -20.81
CA PHE A 162 -0.46 9.66 -20.67
C PHE A 162 -0.54 8.15 -20.64
N ILE A 163 0.48 7.51 -21.20
CA ILE A 163 0.53 6.06 -21.32
C ILE A 163 0.40 5.29 -19.98
N ILE A 164 -0.49 4.29 -19.98
CA ILE A 164 -0.70 3.39 -18.84
C ILE A 164 -0.02 2.08 -19.18
N THR A 165 1.15 1.85 -18.58
CA THR A 165 1.91 0.64 -18.85
C THR A 165 1.37 -0.58 -18.10
N GLN A 166 1.95 -1.75 -18.42
CA GLN A 166 1.58 -3.01 -17.79
C GLN A 166 1.93 -3.03 -16.28
N ASN A 167 2.73 -2.05 -15.84
CA ASN A 167 3.18 -1.95 -14.44
C ASN A 167 2.33 -0.98 -13.60
N MET A 168 1.15 -0.65 -14.12
CA MET A 168 0.24 0.34 -13.51
C MET A 168 -1.20 -0.13 -13.60
N PHE A 169 -2.03 0.42 -12.72
CA PHE A 169 -3.46 0.18 -12.72
C PHE A 169 -4.18 1.44 -12.22
N CYS A 170 -5.47 1.53 -12.47
CA CYS A 170 -6.23 2.71 -12.13
C CYS A 170 -7.28 2.40 -11.09
N ALA A 171 -7.59 3.39 -10.26
CA ALA A 171 -8.61 3.22 -9.23
C ALA A 171 -9.19 4.58 -8.91
N GLY A 172 -10.44 4.59 -8.43
CA GLY A 172 -11.07 5.85 -8.08
C GLY A 172 -12.42 6.07 -8.75
N TYR A 173 -12.74 7.32 -9.05
CA TYR A 173 -14.08 7.68 -9.53
C TYR A 173 -14.05 8.54 -10.79
N ASP A 174 -15.08 8.36 -11.63
CA ASP A 174 -15.24 9.15 -12.85
C ASP A 174 -15.44 10.64 -12.47
N THR A 175 -16.53 10.92 -11.76
CA THR A 175 -16.87 12.31 -11.38
C THR A 175 -16.94 12.57 -9.87
N LYS A 176 -17.28 11.57 -9.07
CA LYS A 176 -17.35 11.80 -7.60
C LYS A 176 -16.07 12.51 -7.11
N GLN A 177 -16.21 13.41 -6.14
CA GLN A 177 -15.06 14.21 -5.66
C GLN A 177 -14.20 13.55 -4.56
N GLU A 178 -13.60 12.40 -4.89
CA GLU A 178 -12.78 11.63 -3.98
C GLU A 178 -11.59 11.01 -4.73
N ASP A 179 -10.37 11.26 -4.24
CA ASP A 179 -9.13 10.77 -4.88
C ASP A 179 -7.94 10.89 -3.91
N ALA A 180 -6.82 10.26 -4.26
CA ALA A 180 -5.54 10.50 -3.58
C ALA A 180 -5.10 11.85 -4.17
N CYS A 181 -3.96 12.39 -3.73
CA CYS A 181 -3.46 13.67 -4.26
C CYS A 181 -1.95 13.85 -3.99
N GLN A 182 -1.38 15.01 -4.31
CA GLN A 182 0.06 15.23 -4.06
C GLN A 182 0.37 15.06 -2.57
N GLY A 183 1.53 14.46 -2.26
CA GLY A 183 1.89 14.20 -0.85
C GLY A 183 1.54 12.79 -0.38
N ASP A 184 0.52 12.20 -1.00
CA ASP A 184 0.11 10.81 -0.74
C ASP A 184 0.98 9.84 -1.51
N SER A 185 1.74 10.39 -2.45
CA SER A 185 2.57 9.55 -3.33
C SER A 185 3.55 8.64 -2.58
N GLY A 186 3.75 7.40 -3.06
CA GLY A 186 4.61 6.40 -2.35
C GLY A 186 3.86 5.60 -1.28
N GLY A 187 2.65 6.06 -0.94
CA GLY A 187 1.81 5.47 0.12
C GLY A 187 1.05 4.18 -0.21
N PRO A 188 0.36 3.62 0.80
CA PRO A 188 -0.35 2.35 0.64
C PRO A 188 -1.67 2.35 -0.17
N HIS A 189 -1.81 1.33 -1.01
CA HIS A 189 -3.08 0.96 -1.62
C HIS A 189 -3.16 -0.48 -1.11
N VAL A 190 -4.17 -0.79 -0.29
CA VAL A 190 -4.36 -2.15 0.26
C VAL A 190 -5.78 -2.68 -0.08
N THR A 191 -5.94 -4.01 -0.03
CA THR A 191 -7.24 -4.66 -0.32
C THR A 191 -7.56 -5.63 0.84
N ARG A 192 -8.76 -5.48 1.42
CA ARG A 192 -9.19 -6.27 2.55
C ARG A 192 -9.78 -7.59 2.06
N PHE A 193 -9.42 -8.69 2.72
CA PHE A 193 -10.00 -10.01 2.39
C PHE A 193 -10.15 -10.77 3.71
N LYS A 194 -11.40 -11.07 4.08
CA LYS A 194 -11.70 -11.69 5.40
C LYS A 194 -10.98 -10.98 6.55
N ASP A 195 -11.17 -9.68 6.66
CA ASP A 195 -10.54 -8.91 7.76
C ASP A 195 -9.01 -8.88 7.83
N THR A 196 -8.34 -9.23 6.73
CA THR A 196 -6.88 -9.11 6.63
C THR A 196 -6.56 -8.26 5.39
N TYR A 197 -5.63 -7.32 5.57
CA TYR A 197 -5.30 -6.30 4.57
C TYR A 197 -3.97 -6.59 3.88
N PHE A 198 -4.03 -6.74 2.54
CA PHE A 198 -2.84 -7.05 1.72
C PHE A 198 -2.39 -5.87 0.85
N VAL A 199 -1.08 -5.63 0.72
CA VAL A 199 -0.59 -4.56 -0.19
C VAL A 199 -0.90 -4.91 -1.66
N THR A 200 -1.60 -4.00 -2.38
CA THR A 200 -1.96 -4.20 -3.78
C THR A 200 -1.45 -3.07 -4.70
N GLY A 201 -1.02 -1.95 -4.15
CA GLY A 201 -0.55 -0.83 -5.00
C GLY A 201 0.29 0.18 -4.23
N ILE A 202 0.94 1.06 -4.97
CA ILE A 202 1.68 2.17 -4.43
C ILE A 202 1.14 3.45 -5.13
N VAL A 203 0.73 4.46 -4.37
CA VAL A 203 0.26 5.76 -4.94
C VAL A 203 1.35 6.35 -5.87
N SER A 204 1.01 6.54 -7.17
CA SER A 204 2.03 6.99 -8.16
C SER A 204 1.76 8.37 -8.85
N TRP A 205 0.68 8.51 -9.61
CA TRP A 205 0.39 9.79 -10.24
C TRP A 205 -1.08 9.94 -10.65
N GLY A 206 -1.41 11.13 -11.13
CA GLY A 206 -2.72 11.41 -11.71
C GLY A 206 -2.64 12.74 -12.42
N GLU A 207 -3.59 13.02 -13.30
CA GLU A 207 -3.69 14.36 -13.95
C GLU A 207 -4.46 15.28 -12.98
N GLY A 208 -3.75 15.91 -12.03
CA GLY A 208 -4.41 16.65 -10.95
C GLY A 208 -5.06 15.69 -9.93
N CYS A 209 -6.02 16.17 -9.14
CA CYS A 209 -6.69 15.34 -8.15
C CYS A 209 -8.21 15.40 -8.26
N ALA A 210 -8.83 14.24 -8.44
CA ALA A 210 -10.30 14.12 -8.53
C ALA A 210 -10.98 14.85 -9.70
N ARG A 211 -10.22 15.11 -10.76
CA ARG A 211 -10.77 15.77 -11.95
C ARG A 211 -11.75 14.87 -12.67
N LYS A 212 -12.72 15.50 -13.32
CA LYS A 212 -13.76 14.75 -14.04
C LYS A 212 -13.17 13.97 -15.19
N GLY A 213 -13.63 12.74 -15.35
CA GLY A 213 -13.13 11.88 -16.42
C GLY A 213 -11.70 11.38 -16.24
N LYS A 214 -11.13 11.61 -15.05
CA LYS A 214 -9.74 11.19 -14.71
C LYS A 214 -9.67 10.28 -13.45
N TYR A 215 -8.70 9.36 -13.41
CA TYR A 215 -8.55 8.39 -12.29
C TYR A 215 -7.16 8.45 -11.64
N GLY A 216 -6.99 7.86 -10.44
CA GLY A 216 -5.66 7.77 -9.80
C GLY A 216 -4.86 6.60 -10.36
N ILE A 217 -3.58 6.82 -10.63
CA ILE A 217 -2.73 5.78 -11.18
C ILE A 217 -1.74 5.24 -10.11
N TYR A 218 -1.73 3.91 -9.98
CA TYR A 218 -0.99 3.20 -8.94
C TYR A 218 0.02 2.23 -9.52
N THR A 219 1.18 2.05 -8.86
CA THR A 219 2.13 1.02 -9.28
C THR A 219 1.48 -0.35 -8.98
N LYS A 220 1.54 -1.28 -9.92
CA LYS A 220 0.96 -2.62 -9.79
C LYS A 220 1.94 -3.54 -9.01
N VAL A 221 1.74 -3.59 -7.71
CA VAL A 221 2.60 -4.38 -6.83
C VAL A 221 2.73 -5.85 -7.24
N THR A 222 1.65 -6.45 -7.76
CA THR A 222 1.71 -7.89 -8.08
C THR A 222 2.73 -8.23 -9.18
N ALA A 223 3.10 -7.25 -9.97
CA ALA A 223 4.12 -7.39 -11.03
C ALA A 223 5.54 -7.32 -10.42
N PHE A 224 5.63 -6.85 -9.17
CA PHE A 224 6.92 -6.67 -8.52
C PHE A 224 7.21 -7.55 -7.28
N LEU A 225 6.44 -8.60 -7.07
CA LEU A 225 6.60 -9.47 -5.90
C LEU A 225 7.94 -10.20 -5.80
N LYS A 226 8.44 -10.77 -6.91
CA LYS A 226 9.75 -11.41 -6.84
C LYS A 226 10.83 -10.36 -6.59
N TRP A 227 10.67 -9.19 -7.21
CA TRP A 227 11.66 -8.10 -7.05
C TRP A 227 11.73 -7.62 -5.60
N ILE A 228 10.53 -7.39 -5.02
CA ILE A 228 10.41 -7.03 -3.60
C ILE A 228 11.07 -8.11 -2.72
N ASP A 229 10.75 -9.37 -2.96
CA ASP A 229 11.35 -10.45 -2.18
C ASP A 229 12.86 -10.40 -2.19
N ARG A 230 13.43 -10.23 -3.40
CA ARG A 230 14.88 -10.14 -3.55
C ARG A 230 15.46 -8.96 -2.80
N SER A 231 14.84 -7.80 -2.94
CA SER A 231 15.33 -6.62 -2.26
C SER A 231 15.39 -6.76 -0.74
N MET A 232 14.45 -7.52 -0.15
CA MET A 232 14.37 -7.67 1.31
C MET A 232 15.35 -8.73 1.85
N LYS A 233 16.19 -9.28 0.99
CA LYS A 233 17.18 -10.27 1.40
C LYS A 233 18.59 -9.70 1.24
N THR A 234 18.79 -8.94 0.16
CA THR A 234 20.05 -8.29 -0.13
C THR A 234 19.93 -6.76 0.02
N LYS B 82 -15.85 -23.95 -9.47
CA LYS B 82 -15.08 -25.10 -8.91
C LYS B 82 -13.79 -24.70 -8.17
N LEU B 83 -13.41 -25.51 -7.18
CA LEU B 83 -12.18 -25.32 -6.43
C LEU B 83 -11.99 -23.86 -5.94
N CYS B 84 -10.85 -23.25 -6.27
CA CYS B 84 -10.53 -21.90 -5.80
C CYS B 84 -11.49 -20.80 -6.30
N SER B 85 -12.27 -21.08 -7.34
CA SER B 85 -13.21 -20.08 -7.87
C SER B 85 -14.53 -20.15 -7.11
N LEU B 86 -14.71 -21.19 -6.30
CA LEU B 86 -15.91 -21.31 -5.46
C LEU B 86 -15.60 -20.85 -4.03
N ASP B 87 -15.94 -19.60 -3.73
CA ASP B 87 -15.71 -19.04 -2.38
C ASP B 87 -14.25 -19.22 -1.88
N ASN B 88 -13.28 -18.95 -2.76
CA ASN B 88 -11.85 -19.04 -2.39
C ASN B 88 -11.50 -20.43 -1.85
N GLY B 89 -12.27 -21.45 -2.26
CA GLY B 89 -11.99 -22.83 -1.84
C GLY B 89 -12.15 -23.09 -0.34
N ASP B 90 -12.83 -22.20 0.36
CA ASP B 90 -13.00 -22.25 1.86
C ASP B 90 -11.70 -21.84 2.57
N CYS B 91 -10.68 -21.37 1.82
CA CYS B 91 -9.40 -20.95 2.46
C CYS B 91 -9.50 -19.57 3.11
N ASP B 92 -8.80 -19.34 4.23
CA ASP B 92 -8.78 -18.01 4.85
C ASP B 92 -7.99 -16.99 3.96
N GLN B 93 -6.90 -17.46 3.36
CA GLN B 93 -6.00 -16.59 2.57
C GLN B 93 -5.74 -17.18 1.19
N PHE B 94 -4.48 -17.56 0.89
CA PHE B 94 -4.11 -18.05 -0.46
C PHE B 94 -4.74 -19.38 -0.81
N CYS B 95 -5.26 -19.47 -2.03
CA CYS B 95 -5.84 -20.70 -2.56
C CYS B 95 -5.13 -21.04 -3.89
N HIS B 96 -4.70 -22.30 -4.01
CA HIS B 96 -4.04 -22.86 -5.19
C HIS B 96 -4.70 -24.22 -5.54
N GLU B 97 -4.85 -24.52 -6.84
CA GLU B 97 -5.43 -25.81 -7.28
C GLU B 97 -4.32 -26.77 -7.73
N GLU B 98 -4.31 -28.00 -7.18
CA GLU B 98 -3.34 -29.04 -7.56
C GLU B 98 -4.08 -30.35 -7.81
N GLN B 99 -3.77 -31.02 -8.92
CA GLN B 99 -4.34 -32.34 -9.23
C GLN B 99 -5.84 -32.32 -8.97
N ASN B 100 -6.52 -31.33 -9.52
CA ASN B 100 -7.96 -31.11 -9.26
C ASN B 100 -8.39 -31.07 -7.80
N SER B 101 -7.55 -30.46 -6.96
CA SER B 101 -7.82 -30.34 -5.52
C SER B 101 -7.32 -29.00 -4.93
N VAL B 102 -8.12 -28.38 -4.05
CA VAL B 102 -7.75 -27.13 -3.38
C VAL B 102 -6.60 -27.30 -2.38
N VAL B 103 -5.62 -26.39 -2.43
CA VAL B 103 -4.53 -26.36 -1.43
C VAL B 103 -4.46 -24.92 -0.88
N CYS B 104 -4.62 -24.77 0.44
CA CYS B 104 -4.61 -23.43 1.09
C CYS B 104 -3.25 -23.13 1.70
N SER B 105 -2.90 -21.85 1.82
CA SER B 105 -1.65 -21.40 2.47
C SER B 105 -1.84 -19.97 3.05
N CYS B 106 -0.85 -19.45 3.75
CA CYS B 106 -0.98 -18.20 4.50
C CYS B 106 0.24 -17.31 4.30
N ALA B 107 0.07 -16.01 4.54
CA ALA B 107 1.14 -15.03 4.46
C ALA B 107 2.20 -15.36 5.52
N ARG B 108 3.38 -14.76 5.35
CA ARG B 108 4.44 -14.97 6.30
C ARG B 108 4.02 -14.44 7.66
N GLY B 109 4.28 -15.23 8.69
CA GLY B 109 3.90 -14.88 10.06
C GLY B 109 2.59 -15.51 10.50
N TYR B 110 2.00 -16.38 9.67
CA TYR B 110 0.81 -17.17 10.01
C TYR B 110 1.17 -18.63 9.79
N THR B 111 0.49 -19.54 10.48
CA THR B 111 0.66 -20.98 10.20
C THR B 111 -0.71 -21.57 9.84
N LEU B 112 -0.73 -22.51 8.93
CA LEU B 112 -1.95 -23.17 8.51
C LEU B 112 -2.47 -24.06 9.67
N ALA B 113 -3.77 -23.96 9.97
CA ALA B 113 -4.37 -24.72 11.06
C ALA B 113 -4.53 -26.20 10.69
N ASP B 114 -4.82 -27.03 11.69
CA ASP B 114 -5.03 -28.48 11.55
C ASP B 114 -6.06 -28.84 10.49
N ASN B 115 -7.04 -27.95 10.27
CA ASN B 115 -8.06 -28.22 9.27
C ASN B 115 -7.56 -27.93 7.85
N GLY B 116 -6.34 -27.41 7.72
CA GLY B 116 -5.75 -27.12 6.40
C GLY B 116 -6.37 -25.94 5.64
N LYS B 117 -7.17 -25.12 6.33
CA LYS B 117 -7.86 -23.98 5.70
C LYS B 117 -7.59 -22.62 6.40
N ALA B 118 -7.69 -22.59 7.72
CA ALA B 118 -7.55 -21.34 8.48
C ALA B 118 -6.09 -21.00 8.69
N CYS B 119 -5.83 -19.70 8.87
CA CYS B 119 -4.53 -19.13 9.12
C CYS B 119 -4.43 -18.56 10.57
N ILE B 120 -3.46 -19.04 11.34
CA ILE B 120 -3.26 -18.64 12.73
C ILE B 120 -1.98 -17.79 12.92
N PRO B 121 -2.10 -16.60 13.52
CA PRO B 121 -0.89 -15.78 13.73
C PRO B 121 0.12 -16.47 14.64
N THR B 122 1.41 -16.43 14.28
CA THR B 122 2.45 -17.06 15.07
C THR B 122 2.84 -16.19 16.28
N GLY B 123 2.71 -14.88 16.15
CA GLY B 123 3.10 -14.00 17.26
C GLY B 123 2.32 -12.70 17.31
N PRO B 124 2.80 -11.76 18.14
CA PRO B 124 2.14 -10.44 18.27
C PRO B 124 2.26 -9.60 16.98
N TYR B 125 1.28 -8.71 16.77
CA TYR B 125 1.26 -7.80 15.62
C TYR B 125 1.49 -8.51 14.26
N PRO B 126 0.61 -9.49 13.92
CA PRO B 126 0.75 -10.16 12.61
C PRO B 126 0.43 -9.19 11.46
N CYS B 127 0.96 -9.45 10.26
CA CYS B 127 0.67 -8.57 9.15
C CYS B 127 -0.82 -8.51 8.80
N GLY B 128 -1.24 -7.35 8.34
CA GLY B 128 -2.56 -7.16 7.77
C GLY B 128 -3.68 -7.00 8.76
N LYS B 129 -3.37 -6.97 10.05
CA LYS B 129 -4.43 -6.73 11.06
C LYS B 129 -4.37 -5.32 11.69
N GLN B 130 -5.52 -4.67 11.74
CA GLN B 130 -5.64 -3.36 12.41
C GLN B 130 -5.32 -3.58 13.89
N THR B 131 -4.69 -2.61 14.55
CA THR B 131 -4.27 -2.84 15.94
C THR B 131 -5.33 -2.45 16.98
N LEU B 132 -5.40 -3.23 18.07
CA LEU B 132 -6.38 -2.97 19.18
C LEU B 132 -5.76 -2.72 20.58
N GLU B 133 -4.46 -2.99 20.73
CA GLU B 133 -3.72 -2.72 21.99
C GLU B 133 -2.24 -2.46 21.72
CL1 GSX C . -3.44 7.75 -7.10
C1 GSX C . -3.13 9.44 -7.29
C2 GSX C . -4.08 10.42 -7.59
C3 GSX C . -3.49 11.70 -7.73
C4 GSX C . -2.10 11.69 -7.51
C9 GSX C . -1.16 12.82 -7.61
C8 GSX C . 0.19 12.80 -7.23
C7 GSX C . 0.87 13.99 -7.52
C6 GSX C . 0.06 14.93 -8.17
S1 GSX C . 0.55 16.56 -8.73
O2 GSX C . -0.71 17.21 -8.97
O1 GSX C . 1.51 17.17 -7.85
N1 GSX C . 1.34 16.27 -10.11
C12 GSX C . 0.55 15.83 -11.25
C13 GSX C . 0.56 16.80 -12.43
C14 GSX C . 0.48 15.90 -13.68
C15 GSX C . 1.11 14.55 -11.88
O3 GSX C . 1.55 13.62 -11.23
N2 GSX C . 1.04 14.63 -13.23
C16 GSX C . 1.43 13.51 -14.15
C17 GSX C . 0.46 13.25 -15.33
C18 GSX C . 2.86 13.66 -14.69
O4 GSX C . 3.35 14.78 -14.67
N3 GSX C . 3.55 12.54 -15.13
C19 GSX C . 4.95 12.76 -15.57
C20 GSX C . 5.55 11.65 -16.43
O5 GSX C . 5.07 10.37 -16.05
C22 GSX C . 3.69 10.23 -16.15
C23 GSX C . 3.02 11.16 -15.13
S3 GSX C . -1.52 14.29 -8.41
S6 GSX C . -1.56 10.11 -7.16
CA CA D . 1.34 13.02 16.35
#